data_1MDB
#
_entry.id   1MDB
#
_cell.length_a   66.800
_cell.length_b   66.800
_cell.length_c   115.660
_cell.angle_alpha   90.00
_cell.angle_beta   90.00
_cell.angle_gamma   120.00
#
_symmetry.space_group_name_H-M   'P 31'
#
loop_
_entity.id
_entity.type
_entity.pdbx_description
1 polymer '2,3-dihydroxybenzoate-AMP ligase'
2 non-polymer 'SULFATE ION'
3 non-polymer 'ADENOSINE MONOPHOSPHATE'
4 non-polymer '2,3-DIHYDROXY-BENZOIC ACID'
5 water water
#
_entity_poly.entity_id   1
_entity_poly.type   'polypeptide(L)'
_entity_poly.pdbx_seq_one_letter_code
;MLKGFTPWPDELAETYRKNGCWAGETFGDLLRDRAAKYGDRIAITCGNTHWSYRELDTRADRLAAGFQKLGIQQKDRVVV
QLPNIKEFFEVIFALFRLGALPVFALPSHRSSEITYFCEFAEAAAYIIPDAYSGFDYRSLARQVQSKLPTLKNIIVAGEA
EEFLPLEDLHTEPVKLPEVKSSDVAFLQLSGGSTGLSKLIPRTHDDYIYSLKRSVEVCWLDHSTVYLAALPMAHNYPLSS
PGVLGVLYAGGRVVLSPSPSPDDAFPLIEREKVTITALVPPLAMVWMDAASSRRDDLSSLQVLQVGGAKFSAEAARRVKA
VFGCTLQQVFGMAEGLVNYTRLDDPEEIIVNTQGKPMSPYDESRVWDDHDRDVKPGETGHLLTRGPYTIRGYYKAEEHNA
ASFTEDGFYRTGDIVRLTRDGYIVVEGRAKDQINRGGEKVAAEEVENHLLAHPAVHDAAMVSMPDQFLGERSCVFIIPRD
EAPKAAELKAFLRERGLAAYKIPDRVEFVESFPQTGVGKVSKKALREAISEKLLAGFKK
;
_entity_poly.pdbx_strand_id   A
#
# COMPACT_ATOMS: atom_id res chain seq x y z
N MET A 1 -1.63 -26.33 -8.65
CA MET A 1 -1.13 -24.95 -8.92
C MET A 1 -2.15 -24.09 -9.65
N LEU A 2 -2.34 -22.88 -9.13
CA LEU A 2 -3.26 -21.92 -9.73
C LEU A 2 -2.78 -21.62 -11.15
N LYS A 3 -3.70 -21.62 -12.10
CA LYS A 3 -3.33 -21.32 -13.48
C LYS A 3 -2.96 -19.85 -13.57
N GLY A 4 -1.79 -19.56 -14.13
CA GLY A 4 -1.36 -18.19 -14.27
C GLY A 4 -0.33 -17.74 -13.26
N PHE A 5 -0.07 -18.61 -12.30
CA PHE A 5 0.90 -18.34 -11.23
C PHE A 5 2.30 -18.77 -11.65
N THR A 6 3.30 -17.97 -11.31
CA THR A 6 4.68 -18.30 -11.61
C THR A 6 5.38 -18.67 -10.31
N PRO A 7 5.72 -19.95 -10.14
CA PRO A 7 6.38 -20.43 -8.92
C PRO A 7 7.84 -20.02 -8.84
N TRP A 8 8.38 -20.10 -7.64
CA TRP A 8 9.79 -19.81 -7.40
C TRP A 8 10.52 -21.06 -7.91
N PRO A 9 11.79 -20.93 -8.28
CA PRO A 9 12.55 -22.09 -8.76
C PRO A 9 12.59 -23.18 -7.69
N ASP A 10 12.44 -24.44 -8.10
CA ASP A 10 12.44 -25.56 -7.17
C ASP A 10 13.56 -25.57 -6.15
N GLU A 11 14.78 -25.27 -6.60
CA GLU A 11 15.92 -25.26 -5.70
C GLU A 11 15.84 -24.11 -4.69
N LEU A 12 15.34 -22.97 -5.13
CA LEU A 12 15.19 -21.82 -4.24
C LEU A 12 14.08 -22.07 -3.23
N ALA A 13 12.97 -22.61 -3.71
CA ALA A 13 11.83 -22.91 -2.85
C ALA A 13 12.33 -23.78 -1.69
N GLU A 14 13.15 -24.77 -2.01
CA GLU A 14 13.70 -25.66 -0.99
C GLU A 14 14.56 -24.88 -0.01
N THR A 15 15.47 -24.07 -0.53
CA THR A 15 16.34 -23.25 0.30
C THR A 15 15.49 -22.51 1.34
N TYR A 16 14.44 -21.84 0.86
CA TYR A 16 13.54 -21.06 1.70
C TYR A 16 12.79 -21.88 2.74
N ARG A 17 12.32 -23.06 2.35
CA ARG A 17 11.58 -23.92 3.26
C ARG A 17 12.55 -24.57 4.24
N LYS A 18 13.82 -24.64 3.86
CA LYS A 18 14.86 -25.23 4.71
C LYS A 18 15.36 -24.25 5.75
N ASN A 19 15.59 -22.99 5.37
CA ASN A 19 16.07 -22.00 6.32
C ASN A 19 14.92 -21.46 7.17
N GLY A 20 13.73 -22.01 6.97
CA GLY A 20 12.59 -21.58 7.75
C GLY A 20 11.83 -20.32 7.32
N CYS A 21 12.24 -19.71 6.20
CA CYS A 21 11.54 -18.51 5.75
C CYS A 21 10.08 -18.83 5.51
N TRP A 22 9.82 -19.94 4.85
CA TRP A 22 8.45 -20.37 4.57
C TRP A 22 8.07 -21.34 5.69
N ALA A 23 7.27 -20.85 6.63
CA ALA A 23 6.84 -21.61 7.80
C ALA A 23 6.01 -22.86 7.55
N GLY A 24 5.38 -22.96 6.39
CA GLY A 24 4.57 -24.13 6.10
C GLY A 24 3.19 -24.07 6.73
N GLU A 25 2.78 -22.89 7.16
CA GLU A 25 1.45 -22.71 7.77
C GLU A 25 0.59 -21.77 6.91
N THR A 26 -0.72 -22.00 6.94
CA THR A 26 -1.64 -21.17 6.17
C THR A 26 -2.24 -20.07 7.03
N PHE A 27 -2.95 -19.13 6.41
CA PHE A 27 -3.58 -18.07 7.17
C PHE A 27 -4.63 -18.71 8.07
N GLY A 28 -5.23 -19.78 7.57
CA GLY A 28 -6.23 -20.50 8.34
C GLY A 28 -5.60 -21.00 9.63
N ASP A 29 -4.40 -21.58 9.50
CA ASP A 29 -3.68 -22.09 10.68
C ASP A 29 -3.36 -20.94 11.61
N LEU A 30 -2.80 -19.88 11.03
CA LEU A 30 -2.42 -18.68 11.76
C LEU A 30 -3.55 -18.22 12.69
N LEU A 31 -4.75 -18.06 12.13
CA LEU A 31 -5.90 -17.64 12.94
C LEU A 31 -6.30 -18.69 13.97
N ARG A 32 -6.34 -19.95 13.54
CA ARG A 32 -6.72 -21.05 14.43
C ARG A 32 -5.83 -21.05 15.66
N ASP A 33 -4.53 -20.93 15.42
CA ASP A 33 -3.52 -20.91 16.48
C ASP A 33 -3.72 -19.73 17.44
N ARG A 34 -3.67 -18.52 16.90
CA ARG A 34 -3.85 -17.32 17.73
C ARG A 34 -5.15 -17.36 18.50
N ALA A 35 -6.19 -17.91 17.89
CA ALA A 35 -7.49 -17.98 18.54
C ALA A 35 -7.47 -18.92 19.73
N ALA A 36 -6.66 -19.96 19.64
CA ALA A 36 -6.55 -20.97 20.69
C ALA A 36 -5.74 -20.45 21.88
N LYS A 37 -4.70 -19.67 21.61
CA LYS A 37 -3.84 -19.12 22.65
C LYS A 37 -4.48 -18.01 23.50
N TYR A 38 -5.01 -16.98 22.85
CA TYR A 38 -5.61 -15.87 23.59
C TYR A 38 -6.94 -15.41 22.99
N GLY A 39 -7.86 -16.35 22.86
CA GLY A 39 -9.16 -16.05 22.28
C GLY A 39 -9.89 -14.81 22.77
N ASP A 40 -9.77 -14.50 24.05
CA ASP A 40 -10.46 -13.34 24.60
C ASP A 40 -9.84 -12.00 24.26
N ARG A 41 -8.58 -11.98 23.85
CA ARG A 41 -7.97 -10.70 23.50
C ARG A 41 -8.76 -10.06 22.38
N ILE A 42 -8.87 -8.74 22.43
CA ILE A 42 -9.56 -7.99 21.39
C ILE A 42 -8.60 -7.88 20.21
N ALA A 43 -9.04 -8.34 19.04
CA ALA A 43 -8.22 -8.32 17.83
C ALA A 43 -8.56 -7.12 16.97
N ILE A 44 -9.83 -6.77 16.94
CA ILE A 44 -10.31 -5.68 16.12
C ILE A 44 -11.27 -4.76 16.86
N THR A 45 -11.07 -3.46 16.68
CA THR A 45 -11.93 -2.46 17.30
C THR A 45 -12.45 -1.54 16.21
N CYS A 46 -13.76 -1.27 16.24
CA CYS A 46 -14.37 -0.40 15.25
C CYS A 46 -15.51 0.35 15.91
N GLY A 47 -15.30 1.64 16.16
CA GLY A 47 -16.33 2.41 16.83
C GLY A 47 -16.45 1.82 18.22
N ASN A 48 -17.66 1.45 18.61
CA ASN A 48 -17.90 0.86 19.93
C ASN A 48 -17.87 -0.66 19.93
N THR A 49 -17.70 -1.26 18.77
CA THR A 49 -17.67 -2.72 18.66
C THR A 49 -16.25 -3.28 18.77
N HIS A 50 -16.15 -4.54 19.20
CA HIS A 50 -14.88 -5.22 19.37
C HIS A 50 -15.04 -6.67 18.98
N TRP A 51 -13.96 -7.32 18.54
CA TRP A 51 -13.98 -8.72 18.14
C TRP A 51 -12.75 -9.40 18.73
N SER A 52 -12.97 -10.45 19.51
CA SER A 52 -11.88 -11.19 20.09
C SER A 52 -11.31 -12.10 19.03
N TYR A 53 -10.13 -12.64 19.28
CA TYR A 53 -9.49 -13.54 18.32
C TYR A 53 -10.33 -14.80 18.12
N ARG A 54 -10.94 -15.29 19.19
CA ARG A 54 -11.78 -16.49 19.11
C ARG A 54 -13.00 -16.15 18.25
N GLU A 55 -13.54 -14.97 18.48
CA GLU A 55 -14.70 -14.48 17.75
C GLU A 55 -14.45 -14.51 16.24
N LEU A 56 -13.37 -13.87 15.81
CA LEU A 56 -13.00 -13.83 14.39
C LEU A 56 -12.83 -15.26 13.87
N ASP A 57 -12.18 -16.10 14.67
CA ASP A 57 -11.94 -17.49 14.33
C ASP A 57 -13.28 -18.19 14.04
N THR A 58 -14.23 -18.04 14.97
CA THR A 58 -15.54 -18.66 14.81
C THR A 58 -16.32 -18.13 13.61
N ARG A 59 -16.40 -16.81 13.46
CA ARG A 59 -17.12 -16.24 12.33
C ARG A 59 -16.53 -16.68 11.00
N ALA A 60 -15.20 -16.82 10.95
CA ALA A 60 -14.51 -17.26 9.75
C ALA A 60 -14.89 -18.70 9.36
N ASP A 61 -15.01 -19.57 10.35
CA ASP A 61 -15.39 -20.96 10.11
C ASP A 61 -16.82 -20.98 9.61
N ARG A 62 -17.69 -20.33 10.37
CA ARG A 62 -19.10 -20.27 10.03
C ARG A 62 -19.36 -19.59 8.69
N LEU A 63 -18.51 -18.63 8.32
CA LEU A 63 -18.72 -17.93 7.04
C LEU A 63 -18.20 -18.78 5.89
N ALA A 64 -17.08 -19.45 6.10
CA ALA A 64 -16.51 -20.31 5.07
C ALA A 64 -17.57 -21.32 4.64
N ALA A 65 -18.30 -21.85 5.62
CA ALA A 65 -19.34 -22.83 5.33
C ALA A 65 -20.43 -22.18 4.49
N GLY A 66 -20.76 -20.93 4.82
CA GLY A 66 -21.77 -20.23 4.05
C GLY A 66 -21.31 -19.99 2.63
N PHE A 67 -20.06 -19.58 2.47
CA PHE A 67 -19.48 -19.33 1.15
C PHE A 67 -19.52 -20.63 0.35
N GLN A 68 -19.09 -21.73 0.97
CA GLN A 68 -19.08 -23.03 0.30
C GLN A 68 -20.49 -23.43 -0.11
N LYS A 69 -21.44 -23.29 0.82
CA LYS A 69 -22.82 -23.63 0.55
C LYS A 69 -23.31 -22.78 -0.61
N LEU A 70 -22.81 -21.55 -0.69
CA LEU A 70 -23.19 -20.65 -1.77
C LEU A 70 -22.72 -21.22 -3.11
N GLY A 71 -21.66 -22.02 -3.06
CA GLY A 71 -21.15 -22.60 -4.29
C GLY A 71 -19.75 -22.11 -4.64
N ILE A 72 -19.14 -21.34 -3.75
CA ILE A 72 -17.79 -20.84 -4.01
C ILE A 72 -16.83 -21.98 -3.72
N GLN A 73 -15.94 -22.26 -4.66
CA GLN A 73 -15.00 -23.36 -4.48
C GLN A 73 -13.54 -22.97 -4.35
N GLN A 74 -12.72 -23.95 -3.98
CA GLN A 74 -11.28 -23.74 -3.84
C GLN A 74 -10.72 -23.26 -5.17
N LYS A 75 -9.82 -22.28 -5.11
CA LYS A 75 -9.18 -21.65 -6.27
C LYS A 75 -10.05 -20.56 -6.90
N ASP A 76 -11.32 -20.47 -6.50
CA ASP A 76 -12.20 -19.43 -7.03
C ASP A 76 -11.69 -18.07 -6.61
N ARG A 77 -11.80 -17.09 -7.51
CA ARG A 77 -11.39 -15.73 -7.17
C ARG A 77 -12.60 -14.96 -6.68
N VAL A 78 -12.38 -14.13 -5.67
CA VAL A 78 -13.46 -13.33 -5.12
C VAL A 78 -12.99 -11.91 -4.92
N VAL A 79 -13.54 -11.01 -5.72
CA VAL A 79 -13.19 -9.60 -5.63
C VAL A 79 -13.79 -9.04 -4.35
N VAL A 80 -12.91 -8.59 -3.46
CA VAL A 80 -13.33 -8.00 -2.18
C VAL A 80 -13.05 -6.49 -2.24
N GLN A 81 -14.09 -5.70 -2.06
CA GLN A 81 -13.93 -4.24 -2.08
C GLN A 81 -14.64 -3.64 -0.86
N LEU A 82 -14.05 -3.83 0.31
CA LEU A 82 -14.62 -3.34 1.56
C LEU A 82 -13.81 -2.21 2.19
N PRO A 83 -14.49 -1.35 2.96
CA PRO A 83 -13.78 -0.22 3.61
C PRO A 83 -13.08 -0.79 4.83
N ASN A 84 -12.70 0.09 5.74
CA ASN A 84 -12.03 -0.37 6.95
C ASN A 84 -13.11 -0.78 7.97
N ILE A 85 -13.68 -1.96 7.80
CA ILE A 85 -14.71 -2.47 8.72
C ILE A 85 -14.35 -3.89 9.16
N LYS A 86 -14.97 -4.36 10.23
CA LYS A 86 -14.72 -5.67 10.79
C LYS A 86 -14.95 -6.81 9.79
N GLU A 87 -15.99 -6.68 8.98
CA GLU A 87 -16.33 -7.70 7.99
C GLU A 87 -15.13 -8.12 7.15
N PHE A 88 -14.31 -7.16 6.74
CA PHE A 88 -13.14 -7.46 5.92
C PHE A 88 -12.42 -8.69 6.46
N PHE A 89 -12.17 -8.69 7.76
CA PHE A 89 -11.44 -9.78 8.39
C PHE A 89 -12.10 -11.15 8.40
N GLU A 90 -13.41 -11.21 8.66
CA GLU A 90 -14.06 -12.49 8.65
C GLU A 90 -14.17 -12.94 7.19
N VAL A 91 -14.29 -11.99 6.29
CA VAL A 91 -14.41 -12.31 4.87
C VAL A 91 -13.14 -12.93 4.31
N ILE A 92 -11.97 -12.34 4.58
CA ILE A 92 -10.75 -12.93 4.01
C ILE A 92 -10.33 -14.26 4.65
N PHE A 93 -10.41 -14.38 5.98
CA PHE A 93 -10.01 -15.64 6.61
C PHE A 93 -10.95 -16.78 6.27
N ALA A 94 -12.20 -16.45 5.96
CA ALA A 94 -13.19 -17.46 5.57
C ALA A 94 -12.78 -17.93 4.17
N LEU A 95 -12.44 -16.97 3.31
CA LEU A 95 -12.01 -17.31 1.96
C LEU A 95 -10.71 -18.10 2.06
N PHE A 96 -9.84 -17.67 2.96
CA PHE A 96 -8.57 -18.34 3.18
C PHE A 96 -8.77 -19.81 3.57
N ARG A 97 -9.77 -20.09 4.42
CA ARG A 97 -10.02 -21.46 4.85
C ARG A 97 -10.72 -22.34 3.80
N LEU A 98 -11.37 -21.69 2.84
CA LEU A 98 -12.06 -22.40 1.78
C LEU A 98 -11.11 -22.56 0.60
N GLY A 99 -9.94 -21.94 0.69
CA GLY A 99 -8.99 -22.01 -0.40
C GLY A 99 -9.38 -21.09 -1.55
N ALA A 100 -10.31 -20.17 -1.28
CA ALA A 100 -10.76 -19.23 -2.29
C ALA A 100 -9.82 -18.01 -2.24
N LEU A 101 -9.66 -17.36 -3.39
CA LEU A 101 -8.76 -16.23 -3.50
C LEU A 101 -9.34 -14.82 -3.53
N PRO A 102 -9.10 -14.05 -2.47
CA PRO A 102 -9.61 -12.68 -2.47
C PRO A 102 -8.80 -11.91 -3.51
N VAL A 103 -9.41 -10.93 -4.15
CA VAL A 103 -8.73 -10.06 -5.09
C VAL A 103 -9.01 -8.74 -4.38
N PHE A 104 -7.95 -8.07 -3.97
CA PHE A 104 -8.04 -6.84 -3.19
C PHE A 104 -8.27 -5.51 -3.88
N ALA A 105 -9.54 -5.18 -4.11
CA ALA A 105 -9.91 -3.91 -4.73
C ALA A 105 -9.89 -2.85 -3.63
N LEU A 106 -9.91 -1.59 -4.03
CA LEU A 106 -9.89 -0.47 -3.09
C LEU A 106 -11.24 0.26 -3.13
N PRO A 107 -11.61 0.92 -2.02
CA PRO A 107 -12.87 1.65 -1.91
C PRO A 107 -13.13 2.66 -3.03
N SER A 108 -12.05 3.16 -3.63
CA SER A 108 -12.16 4.15 -4.68
C SER A 108 -12.38 3.57 -6.07
N HIS A 109 -12.25 2.26 -6.22
CA HIS A 109 -12.44 1.67 -7.54
C HIS A 109 -13.89 1.77 -8.01
N ARG A 110 -14.09 1.90 -9.31
CA ARG A 110 -15.42 2.01 -9.85
C ARG A 110 -15.67 0.93 -10.91
N SER A 111 -16.81 1.00 -11.59
CA SER A 111 -17.17 -0.02 -12.57
C SER A 111 -16.11 -0.41 -13.58
N SER A 112 -15.37 0.56 -14.11
CA SER A 112 -14.35 0.23 -15.09
C SER A 112 -13.28 -0.69 -14.50
N GLU A 113 -12.73 -0.34 -13.34
CA GLU A 113 -11.71 -1.19 -12.71
C GLU A 113 -12.32 -2.48 -12.16
N ILE A 114 -13.46 -2.39 -11.48
CA ILE A 114 -14.09 -3.57 -10.91
C ILE A 114 -14.49 -4.58 -12.00
N THR A 115 -15.12 -4.09 -13.07
CA THR A 115 -15.52 -4.97 -14.17
C THR A 115 -14.28 -5.70 -14.71
N TYR A 116 -13.17 -4.99 -14.79
CA TYR A 116 -11.92 -5.57 -15.25
C TYR A 116 -11.46 -6.68 -14.30
N PHE A 117 -11.38 -6.36 -13.01
CA PHE A 117 -10.97 -7.35 -12.01
C PHE A 117 -11.85 -8.60 -12.05
N CYS A 118 -13.15 -8.42 -12.22
CA CYS A 118 -14.08 -9.54 -12.24
C CYS A 118 -13.94 -10.40 -13.49
N GLU A 119 -13.72 -9.75 -14.63
CA GLU A 119 -13.56 -10.46 -15.90
C GLU A 119 -12.23 -11.22 -15.90
N PHE A 120 -11.15 -10.46 -15.82
CA PHE A 120 -9.80 -11.01 -15.81
C PHE A 120 -9.67 -12.18 -14.82
N ALA A 121 -9.99 -11.93 -13.56
CA ALA A 121 -9.90 -12.97 -12.55
C ALA A 121 -11.03 -14.00 -12.64
N GLU A 122 -11.98 -13.76 -13.53
CA GLU A 122 -13.11 -14.69 -13.70
C GLU A 122 -13.70 -14.93 -12.31
N ALA A 123 -13.98 -13.84 -11.61
CA ALA A 123 -14.51 -13.87 -10.25
C ALA A 123 -15.83 -14.61 -10.09
N ALA A 124 -15.92 -15.39 -9.03
CA ALA A 124 -17.12 -16.16 -8.71
C ALA A 124 -18.03 -15.35 -7.81
N ALA A 125 -17.49 -14.30 -7.20
CA ALA A 125 -18.25 -13.45 -6.31
C ALA A 125 -17.64 -12.06 -6.16
N TYR A 126 -18.48 -11.10 -5.78
CA TYR A 126 -18.07 -9.71 -5.61
C TYR A 126 -18.62 -9.34 -4.24
N ILE A 127 -17.75 -8.90 -3.35
CA ILE A 127 -18.15 -8.54 -1.99
C ILE A 127 -17.98 -7.05 -1.71
N ILE A 128 -19.08 -6.38 -1.37
CA ILE A 128 -19.09 -4.95 -1.10
C ILE A 128 -19.88 -4.55 0.13
N PRO A 129 -19.68 -3.31 0.63
CA PRO A 129 -20.44 -2.85 1.79
C PRO A 129 -21.70 -2.26 1.15
N ASP A 130 -22.72 -1.93 1.92
CA ASP A 130 -23.90 -1.33 1.30
C ASP A 130 -23.55 0.07 0.80
N ALA A 131 -22.95 0.86 1.67
CA ALA A 131 -22.57 2.22 1.32
C ALA A 131 -21.42 2.65 2.21
N TYR A 132 -20.53 3.47 1.66
CA TYR A 132 -19.39 3.95 2.43
C TYR A 132 -18.94 5.32 1.93
N SER A 133 -18.62 6.17 2.88
CA SER A 133 -18.13 7.51 2.55
C SER A 133 -19.00 8.17 1.51
N GLY A 134 -20.31 8.09 1.69
CA GLY A 134 -21.23 8.72 0.75
C GLY A 134 -21.45 8.02 -0.59
N PHE A 135 -20.85 6.86 -0.79
CA PHE A 135 -21.03 6.13 -2.04
C PHE A 135 -21.79 4.83 -1.83
N ASP A 136 -22.84 4.62 -2.64
CA ASP A 136 -23.65 3.42 -2.56
C ASP A 136 -23.04 2.37 -3.51
N TYR A 137 -22.42 1.35 -2.94
CA TYR A 137 -21.76 0.34 -3.75
C TYR A 137 -22.68 -0.65 -4.47
N ARG A 138 -23.96 -0.68 -4.09
CA ARG A 138 -24.88 -1.58 -4.79
C ARG A 138 -25.13 -1.04 -6.18
N SER A 139 -25.08 0.28 -6.33
CA SER A 139 -25.30 0.89 -7.64
C SER A 139 -24.08 0.52 -8.50
N LEU A 140 -22.91 0.43 -7.86
CA LEU A 140 -21.70 0.05 -8.58
C LEU A 140 -21.90 -1.43 -8.97
N ALA A 141 -22.42 -2.23 -8.04
CA ALA A 141 -22.66 -3.65 -8.32
C ALA A 141 -23.59 -3.77 -9.53
N ARG A 142 -24.64 -2.95 -9.57
CA ARG A 142 -25.58 -2.99 -10.66
C ARG A 142 -24.89 -2.66 -11.97
N GLN A 143 -23.98 -1.70 -11.93
CA GLN A 143 -23.24 -1.33 -13.12
C GLN A 143 -22.38 -2.51 -13.56
N VAL A 144 -21.73 -3.15 -12.60
CA VAL A 144 -20.87 -4.28 -12.95
C VAL A 144 -21.68 -5.43 -13.57
N GLN A 145 -22.77 -5.86 -12.92
CA GLN A 145 -23.58 -6.95 -13.47
C GLN A 145 -24.07 -6.69 -14.89
N SER A 146 -24.47 -5.45 -15.18
CA SER A 146 -24.96 -5.14 -16.51
C SER A 146 -23.83 -5.33 -17.54
N LYS A 147 -22.59 -5.33 -17.07
CA LYS A 147 -21.47 -5.55 -17.96
C LYS A 147 -21.08 -7.03 -17.89
N LEU A 148 -21.35 -7.67 -16.76
CA LEU A 148 -21.02 -9.09 -16.58
C LEU A 148 -22.20 -9.84 -15.98
N PRO A 149 -23.19 -10.20 -16.82
CA PRO A 149 -24.40 -10.94 -16.42
C PRO A 149 -24.08 -12.25 -15.71
N THR A 150 -22.90 -12.78 -15.97
CA THR A 150 -22.48 -14.05 -15.36
C THR A 150 -22.12 -13.92 -13.87
N LEU A 151 -21.83 -12.70 -13.41
CA LEU A 151 -21.47 -12.48 -12.01
C LEU A 151 -22.77 -12.52 -11.22
N LYS A 152 -23.08 -13.66 -10.60
CA LYS A 152 -24.34 -13.77 -9.85
C LYS A 152 -24.28 -13.82 -8.34
N ASN A 153 -23.08 -13.76 -7.76
CA ASN A 153 -22.96 -13.76 -6.33
C ASN A 153 -22.43 -12.42 -5.85
N ILE A 154 -23.35 -11.49 -5.61
CA ILE A 154 -23.02 -10.15 -5.15
C ILE A 154 -23.35 -10.16 -3.67
N ILE A 155 -22.32 -10.09 -2.84
CA ILE A 155 -22.50 -10.12 -1.40
C ILE A 155 -22.31 -8.74 -0.78
N VAL A 156 -23.25 -8.34 0.05
CA VAL A 156 -23.21 -7.02 0.66
C VAL A 156 -23.18 -7.05 2.18
N ALA A 157 -22.19 -6.38 2.75
CA ALA A 157 -22.11 -6.31 4.20
C ALA A 157 -22.96 -5.10 4.52
N GLY A 158 -24.19 -5.35 4.99
CA GLY A 158 -25.11 -4.28 5.30
C GLY A 158 -26.43 -4.55 4.58
N GLU A 159 -27.17 -3.48 4.25
CA GLU A 159 -28.43 -3.64 3.55
C GLU A 159 -28.17 -4.05 2.11
N ALA A 160 -28.37 -5.34 1.84
CA ALA A 160 -28.13 -5.91 0.52
C ALA A 160 -29.11 -5.58 -0.59
N GLU A 161 -30.31 -5.15 -0.22
CA GLU A 161 -31.33 -4.85 -1.23
C GLU A 161 -31.60 -6.14 -2.01
N GLU A 162 -31.54 -6.12 -3.34
CA GLU A 162 -31.80 -7.33 -4.11
C GLU A 162 -30.67 -8.35 -4.15
N PHE A 163 -29.53 -8.00 -3.56
CA PHE A 163 -28.38 -8.88 -3.57
C PHE A 163 -28.32 -9.80 -2.33
N LEU A 164 -27.17 -10.38 -2.04
CA LEU A 164 -27.06 -11.28 -0.90
C LEU A 164 -26.45 -10.66 0.37
N PRO A 165 -27.20 -10.71 1.49
CA PRO A 165 -26.74 -10.17 2.77
C PRO A 165 -25.60 -11.01 3.30
N LEU A 166 -24.43 -10.41 3.49
CA LEU A 166 -23.29 -11.14 4.02
C LEU A 166 -23.67 -11.81 5.33
N GLU A 167 -24.41 -11.10 6.18
CA GLU A 167 -24.81 -11.61 7.49
C GLU A 167 -25.65 -12.88 7.45
N ASP A 168 -26.33 -13.13 6.34
CA ASP A 168 -27.15 -14.33 6.24
C ASP A 168 -26.38 -15.55 5.69
N LEU A 169 -25.07 -15.44 5.58
CA LEU A 169 -24.27 -16.55 5.07
C LEU A 169 -23.69 -17.48 6.14
N HIS A 170 -23.39 -16.94 7.32
CA HIS A 170 -22.82 -17.75 8.38
C HIS A 170 -23.74 -18.94 8.65
N THR A 171 -23.15 -20.11 8.82
CA THR A 171 -23.89 -21.33 9.07
C THR A 171 -23.03 -22.30 9.89
N GLU A 172 -23.51 -23.52 10.07
CA GLU A 172 -22.78 -24.53 10.82
C GLU A 172 -21.46 -24.86 10.12
N PRO A 173 -20.35 -24.87 10.87
CA PRO A 173 -19.03 -25.19 10.30
C PRO A 173 -19.03 -26.54 9.60
N VAL A 174 -18.11 -26.73 8.67
CA VAL A 174 -18.01 -27.98 7.94
C VAL A 174 -16.57 -28.35 7.66
N LYS A 175 -16.36 -29.56 7.14
CA LYS A 175 -15.02 -30.01 6.80
C LYS A 175 -14.65 -29.29 5.51
N LEU A 176 -13.51 -28.62 5.50
CA LEU A 176 -13.09 -27.91 4.29
C LEU A 176 -11.93 -28.59 3.61
N PRO A 177 -11.79 -28.41 2.29
CA PRO A 177 -10.71 -29.03 1.54
C PRO A 177 -9.38 -28.60 2.15
N GLU A 178 -8.34 -29.40 1.92
CA GLU A 178 -7.03 -29.07 2.44
C GLU A 178 -6.44 -27.88 1.71
N VAL A 179 -5.90 -26.94 2.49
CA VAL A 179 -5.27 -25.76 1.91
C VAL A 179 -3.79 -25.89 2.23
N LYS A 180 -2.96 -25.83 1.20
CA LYS A 180 -1.51 -25.93 1.37
C LYS A 180 -0.86 -24.57 1.57
N SER A 181 0.20 -24.57 2.37
CA SER A 181 0.96 -23.37 2.67
C SER A 181 1.57 -22.81 1.39
N SER A 182 1.74 -23.69 0.40
CA SER A 182 2.33 -23.28 -0.87
C SER A 182 1.31 -22.80 -1.90
N ASP A 183 0.02 -22.91 -1.58
CA ASP A 183 -1.01 -22.46 -2.51
C ASP A 183 -1.07 -20.94 -2.58
N VAL A 184 -1.53 -20.41 -3.70
CA VAL A 184 -1.70 -18.97 -3.81
C VAL A 184 -2.81 -18.68 -2.82
N ALA A 185 -2.65 -17.64 -2.01
CA ALA A 185 -3.66 -17.30 -1.01
C ALA A 185 -4.59 -16.18 -1.48
N PHE A 186 -4.09 -15.31 -2.36
CA PHE A 186 -4.87 -14.19 -2.85
C PHE A 186 -4.15 -13.45 -3.96
N LEU A 187 -4.85 -12.52 -4.60
CA LEU A 187 -4.26 -11.72 -5.66
C LEU A 187 -4.31 -10.25 -5.25
N GLN A 188 -3.15 -9.62 -5.21
CA GLN A 188 -3.05 -8.20 -4.86
C GLN A 188 -2.99 -7.39 -6.13
N LEU A 189 -3.04 -6.07 -6.00
CA LEU A 189 -2.99 -5.20 -7.18
C LEU A 189 -1.64 -4.45 -7.23
N SER A 190 -1.08 -4.28 -8.41
CA SER A 190 0.17 -3.54 -8.55
C SER A 190 -0.21 -2.06 -8.53
N GLY A 191 0.74 -1.18 -8.20
CA GLY A 191 0.41 0.24 -8.12
C GLY A 191 1.09 1.22 -9.05
N GLY A 192 1.43 0.80 -10.27
CA GLY A 192 2.05 1.72 -11.20
C GLY A 192 1.10 2.79 -11.71
N SER A 193 1.21 3.08 -13.00
CA SER A 193 0.36 4.06 -13.65
C SER A 193 -0.17 3.41 -14.92
N THR A 194 -1.19 4.04 -15.49
CA THR A 194 -1.87 3.61 -16.71
C THR A 194 -3.02 2.69 -16.34
N GLY A 195 -3.88 3.16 -15.45
CA GLY A 195 -5.04 2.37 -15.04
C GLY A 195 -4.78 0.91 -14.74
N LEU A 196 -5.48 0.03 -15.46
CA LEU A 196 -5.40 -1.43 -15.31
C LEU A 196 -4.16 -2.00 -14.62
N SER A 197 -4.27 -2.18 -13.30
CA SER A 197 -3.17 -2.73 -12.52
C SER A 197 -3.01 -4.23 -12.85
N LYS A 198 -1.81 -4.73 -12.67
CA LYS A 198 -1.53 -6.15 -12.91
C LYS A 198 -1.96 -6.86 -11.62
N LEU A 199 -2.32 -8.13 -11.70
CA LEU A 199 -2.71 -8.87 -10.50
C LEU A 199 -1.47 -9.59 -9.96
N ILE A 200 -1.32 -9.61 -8.65
CA ILE A 200 -0.17 -10.20 -7.98
C ILE A 200 -0.49 -11.41 -7.09
N PRO A 201 -0.07 -12.61 -7.52
CA PRO A 201 -0.35 -13.81 -6.71
C PRO A 201 0.60 -13.88 -5.51
N ARG A 202 0.06 -14.08 -4.31
CA ARG A 202 0.90 -14.23 -3.12
C ARG A 202 0.45 -15.55 -2.45
N THR A 203 1.42 -16.35 -2.02
CA THR A 203 1.12 -17.62 -1.38
C THR A 203 1.13 -17.42 0.15
N HIS A 204 0.57 -18.37 0.87
CA HIS A 204 0.52 -18.30 2.33
C HIS A 204 1.93 -18.20 2.87
N ASP A 205 2.80 -19.11 2.43
CA ASP A 205 4.18 -19.12 2.90
C ASP A 205 4.96 -17.83 2.67
N ASP A 206 4.97 -17.33 1.43
CA ASP A 206 5.74 -16.13 1.18
C ASP A 206 5.14 -14.89 1.84
N TYR A 207 3.81 -14.80 1.94
CA TYR A 207 3.22 -13.62 2.57
C TYR A 207 3.37 -13.65 4.09
N ILE A 208 3.07 -14.79 4.70
CA ILE A 208 3.21 -14.88 6.14
C ILE A 208 4.67 -14.58 6.55
N TYR A 209 5.62 -14.96 5.71
CA TYR A 209 7.03 -14.64 6.02
C TYR A 209 7.18 -13.12 6.04
N SER A 210 6.63 -12.44 5.04
CA SER A 210 6.73 -10.97 5.00
C SER A 210 6.11 -10.36 6.27
N LEU A 211 5.06 -11.00 6.79
CA LEU A 211 4.41 -10.52 8.02
C LEU A 211 5.32 -10.74 9.25
N LYS A 212 5.95 -11.90 9.32
CA LYS A 212 6.84 -12.21 10.44
C LYS A 212 8.03 -11.27 10.50
N ARG A 213 8.60 -10.94 9.35
CA ARG A 213 9.75 -10.03 9.32
C ARG A 213 9.30 -8.62 9.69
N SER A 214 8.15 -8.18 9.18
CA SER A 214 7.65 -6.85 9.48
C SER A 214 7.37 -6.74 10.98
N VAL A 215 6.86 -7.81 11.57
CA VAL A 215 6.57 -7.84 13.00
C VAL A 215 7.88 -7.64 13.79
N GLU A 216 8.89 -8.42 13.46
CA GLU A 216 10.17 -8.33 14.12
C GLU A 216 10.82 -6.97 13.91
N VAL A 217 10.91 -6.53 12.65
CA VAL A 217 11.51 -5.23 12.34
C VAL A 217 10.74 -4.05 12.97
N CYS A 218 9.43 -4.20 13.14
CA CYS A 218 8.63 -3.11 13.70
C CYS A 218 8.29 -3.25 15.19
N TRP A 219 8.84 -4.28 15.83
CA TRP A 219 8.63 -4.52 17.25
C TRP A 219 7.17 -4.65 17.69
N LEU A 220 6.35 -5.34 16.91
CA LEU A 220 4.95 -5.50 17.29
C LEU A 220 4.77 -6.61 18.32
N ASP A 221 3.85 -6.40 19.26
CA ASP A 221 3.58 -7.43 20.27
C ASP A 221 2.17 -7.27 20.83
N HIS A 222 1.89 -8.01 21.90
CA HIS A 222 0.58 -7.94 22.52
C HIS A 222 0.16 -6.53 22.88
N SER A 223 1.13 -5.65 23.09
CA SER A 223 0.80 -4.27 23.46
C SER A 223 0.59 -3.33 22.29
N THR A 224 0.73 -3.85 21.09
CA THR A 224 0.54 -3.05 19.90
C THR A 224 -0.92 -2.68 19.66
N VAL A 225 -1.17 -1.39 19.47
CA VAL A 225 -2.51 -0.92 19.16
C VAL A 225 -2.29 -0.16 17.84
N TYR A 226 -2.59 -0.82 16.73
CA TYR A 226 -2.39 -0.23 15.41
C TYR A 226 -3.68 0.37 14.87
N LEU A 227 -3.60 1.62 14.45
CA LEU A 227 -4.75 2.30 13.86
C LEU A 227 -4.68 2.15 12.34
N ALA A 228 -5.73 1.59 11.74
CA ALA A 228 -5.78 1.44 10.30
C ALA A 228 -6.40 2.73 9.77
N ALA A 229 -5.56 3.67 9.34
CA ALA A 229 -6.02 4.95 8.82
C ALA A 229 -6.12 5.00 7.30
N LEU A 230 -5.31 4.18 6.63
CA LEU A 230 -5.33 4.12 5.17
C LEU A 230 -6.23 2.95 4.77
N PRO A 231 -6.68 2.91 3.50
CA PRO A 231 -7.55 1.80 3.06
C PRO A 231 -6.71 0.55 3.30
N MET A 232 -7.09 -0.23 4.30
CA MET A 232 -6.31 -1.41 4.72
C MET A 232 -6.09 -2.59 3.76
N ALA A 233 -6.82 -2.64 2.65
CA ALA A 233 -6.62 -3.72 1.69
C ALA A 233 -5.35 -3.49 0.86
N HIS A 234 -4.78 -2.28 0.92
CA HIS A 234 -3.54 -1.97 0.19
C HIS A 234 -2.39 -2.68 0.91
N ASN A 235 -1.42 -3.19 0.15
CA ASN A 235 -0.30 -3.95 0.72
C ASN A 235 0.38 -3.32 1.95
N TYR A 236 0.54 -2.00 1.93
CA TYR A 236 1.19 -1.25 3.01
C TYR A 236 0.40 -1.36 4.32
N PRO A 237 -0.85 -0.85 4.37
CA PRO A 237 -1.61 -0.95 5.62
C PRO A 237 -2.15 -2.36 5.93
N LEU A 238 -1.90 -3.31 5.04
CA LEU A 238 -2.34 -4.68 5.25
C LEU A 238 -1.24 -5.58 5.79
N SER A 239 0.00 -5.30 5.41
CA SER A 239 1.11 -6.18 5.80
C SER A 239 2.48 -5.58 6.13
N SER A 240 2.62 -4.26 6.16
CA SER A 240 3.94 -3.68 6.44
C SER A 240 4.04 -2.75 7.64
N PRO A 241 3.75 -3.23 8.86
CA PRO A 241 3.30 -4.60 9.20
C PRO A 241 1.80 -4.77 8.94
N GLY A 242 1.08 -3.65 8.93
CA GLY A 242 -0.35 -3.68 8.65
C GLY A 242 -1.27 -4.35 9.67
N VAL A 243 -2.54 -4.48 9.29
CA VAL A 243 -3.54 -5.09 10.15
C VAL A 243 -3.24 -6.59 10.33
N LEU A 244 -2.75 -7.22 9.26
CA LEU A 244 -2.43 -8.65 9.33
C LEU A 244 -1.16 -8.88 10.15
N GLY A 245 -0.21 -7.96 10.08
CA GLY A 245 1.00 -8.13 10.87
C GLY A 245 0.64 -8.02 12.35
N VAL A 246 -0.25 -7.10 12.66
CA VAL A 246 -0.71 -6.89 14.04
C VAL A 246 -1.44 -8.12 14.60
N LEU A 247 -2.17 -8.84 13.74
CA LEU A 247 -2.88 -10.03 14.21
C LEU A 247 -1.86 -11.14 14.37
N TYR A 248 -0.82 -11.11 13.56
CA TYR A 248 0.23 -12.12 13.63
C TYR A 248 0.89 -12.06 15.00
N ALA A 249 1.10 -10.85 15.48
CA ALA A 249 1.77 -10.62 16.76
C ALA A 249 0.85 -10.63 17.97
N GLY A 250 -0.45 -10.81 17.75
CA GLY A 250 -1.38 -10.83 18.86
C GLY A 250 -1.78 -9.46 19.38
N GLY A 251 -1.54 -8.43 18.58
CA GLY A 251 -1.89 -7.08 18.99
C GLY A 251 -3.34 -6.76 18.73
N ARG A 252 -3.67 -5.48 18.68
CA ARG A 252 -5.04 -5.05 18.46
C ARG A 252 -5.12 -3.98 17.39
N VAL A 253 -6.08 -4.14 16.47
CA VAL A 253 -6.28 -3.21 15.37
C VAL A 253 -7.47 -2.29 15.61
N VAL A 254 -7.29 -1.00 15.37
CA VAL A 254 -8.38 -0.04 15.51
C VAL A 254 -8.70 0.46 14.12
N LEU A 255 -9.97 0.43 13.75
CA LEU A 255 -10.36 0.87 12.42
C LEU A 255 -10.87 2.30 12.35
N SER A 256 -10.19 3.13 11.57
CA SER A 256 -10.60 4.51 11.42
C SER A 256 -11.54 4.63 10.23
N PRO A 257 -12.62 5.43 10.39
CA PRO A 257 -13.66 5.70 9.40
C PRO A 257 -13.06 6.28 8.12
N SER A 258 -11.99 7.06 8.29
CA SER A 258 -11.30 7.68 7.17
C SER A 258 -9.89 8.01 7.63
N PRO A 259 -9.03 8.51 6.70
CA PRO A 259 -7.65 8.84 7.07
C PRO A 259 -7.54 10.17 7.82
N SER A 260 -8.55 11.02 7.66
CA SER A 260 -8.56 12.36 8.26
C SER A 260 -8.32 12.47 9.76
N PRO A 261 -7.57 13.51 10.18
CA PRO A 261 -7.29 13.73 11.60
C PRO A 261 -8.58 13.80 12.43
N ASP A 262 -9.61 14.41 11.85
CA ASP A 262 -10.89 14.52 12.55
C ASP A 262 -11.36 13.17 13.05
N ASP A 263 -11.12 12.12 12.27
CA ASP A 263 -11.52 10.78 12.66
C ASP A 263 -10.45 10.02 13.44
N ALA A 264 -9.20 10.11 12.97
CA ALA A 264 -8.07 9.42 13.57
C ALA A 264 -7.57 9.91 14.93
N PHE A 265 -7.45 11.22 15.11
CA PHE A 265 -6.95 11.78 16.36
C PHE A 265 -7.74 11.31 17.59
N PRO A 266 -9.06 11.50 17.60
CA PRO A 266 -9.84 11.07 18.77
C PRO A 266 -9.58 9.59 19.05
N LEU A 267 -9.50 8.80 17.98
CA LEU A 267 -9.27 7.36 18.07
C LEU A 267 -7.90 7.07 18.69
N ILE A 268 -6.91 7.89 18.35
CA ILE A 268 -5.57 7.69 18.88
C ILE A 268 -5.56 7.95 20.39
N GLU A 269 -6.23 9.01 20.81
CA GLU A 269 -6.30 9.34 22.24
C GLU A 269 -7.23 8.39 23.00
N ARG A 270 -8.40 8.13 22.44
CA ARG A 270 -9.35 7.24 23.11
C ARG A 270 -8.84 5.82 23.22
N GLU A 271 -8.37 5.25 22.11
CA GLU A 271 -7.87 3.89 22.11
C GLU A 271 -6.40 3.74 22.47
N LYS A 272 -5.71 4.87 22.57
CA LYS A 272 -4.28 4.86 22.89
C LYS A 272 -3.46 4.07 21.88
N VAL A 273 -3.59 4.47 20.62
CA VAL A 273 -2.85 3.83 19.53
C VAL A 273 -1.34 4.04 19.70
N THR A 274 -0.58 2.96 19.50
CA THR A 274 0.87 3.00 19.61
C THR A 274 1.57 3.11 18.26
N ILE A 275 0.83 2.89 17.17
CA ILE A 275 1.41 2.96 15.83
C ILE A 275 0.37 3.11 14.72
N THR A 276 0.69 3.91 13.72
CA THR A 276 -0.19 4.09 12.57
C THR A 276 0.66 4.33 11.31
N ALA A 277 0.04 4.23 10.14
CA ALA A 277 0.77 4.40 8.90
C ALA A 277 0.10 5.39 7.96
N LEU A 278 0.90 6.30 7.42
CA LEU A 278 0.42 7.32 6.50
C LEU A 278 1.27 7.30 5.22
N VAL A 279 0.80 8.06 4.23
CA VAL A 279 1.52 8.23 2.98
C VAL A 279 1.88 9.71 3.08
N PRO A 280 2.90 10.18 2.33
CA PRO A 280 3.33 11.58 2.37
C PRO A 280 2.28 12.70 2.36
N PRO A 281 1.37 12.71 1.37
CA PRO A 281 0.36 13.78 1.35
C PRO A 281 -0.41 13.87 2.67
N LEU A 282 -0.78 12.73 3.22
CA LEU A 282 -1.55 12.67 4.47
C LEU A 282 -0.68 13.11 5.64
N ALA A 283 0.59 12.70 5.63
CA ALA A 283 1.53 13.09 6.68
C ALA A 283 1.55 14.61 6.82
N MET A 284 1.50 15.32 5.71
CA MET A 284 1.49 16.78 5.75
C MET A 284 0.20 17.27 6.44
N VAL A 285 -0.93 16.69 6.08
CA VAL A 285 -2.20 17.10 6.69
C VAL A 285 -2.18 16.81 8.19
N TRP A 286 -1.62 15.67 8.58
CA TRP A 286 -1.56 15.30 9.98
C TRP A 286 -0.68 16.24 10.79
N MET A 287 0.45 16.65 10.19
CA MET A 287 1.36 17.56 10.87
C MET A 287 0.70 18.93 11.07
N ASP A 288 -0.03 19.42 10.06
CA ASP A 288 -0.70 20.71 10.22
C ASP A 288 -1.73 20.58 11.34
N ALA A 289 -2.53 19.53 11.24
CA ALA A 289 -3.58 19.28 12.23
C ALA A 289 -3.03 19.13 13.63
N ALA A 290 -1.94 18.37 13.79
CA ALA A 290 -1.36 18.15 15.11
C ALA A 290 -0.95 19.44 15.81
N SER A 291 -0.84 20.53 15.05
CA SER A 291 -0.45 21.81 15.61
C SER A 291 -1.65 22.69 15.93
N SER A 292 -2.82 22.33 15.39
CA SER A 292 -4.02 23.12 15.64
C SER A 292 -5.03 22.35 16.49
N ARG A 293 -4.88 21.03 16.55
CA ARG A 293 -5.78 20.18 17.32
C ARG A 293 -5.27 20.03 18.76
N ARG A 294 -6.18 19.81 19.69
CA ARG A 294 -5.81 19.65 21.10
C ARG A 294 -5.88 18.20 21.54
N ASP A 295 -5.97 17.28 20.58
CA ASP A 295 -6.04 15.86 20.90
C ASP A 295 -4.71 15.44 21.51
N ASP A 296 -4.77 14.40 22.34
CA ASP A 296 -3.58 13.86 22.99
C ASP A 296 -3.10 12.61 22.27
N LEU A 297 -2.13 12.81 21.37
CA LEU A 297 -1.56 11.74 20.56
C LEU A 297 -0.34 11.16 21.24
N SER A 298 -0.19 11.47 22.52
CA SER A 298 0.93 11.02 23.34
C SER A 298 1.22 9.52 23.37
N SER A 299 0.21 8.68 23.22
CA SER A 299 0.42 7.24 23.25
C SER A 299 1.16 6.74 22.01
N LEU A 300 1.22 7.59 20.98
CA LEU A 300 1.89 7.21 19.74
C LEU A 300 3.39 6.96 19.95
N GLN A 301 3.84 5.78 19.55
CA GLN A 301 5.26 5.40 19.66
C GLN A 301 5.97 5.36 18.31
N VAL A 302 5.23 5.01 17.27
CA VAL A 302 5.79 4.91 15.91
C VAL A 302 4.82 5.42 14.86
N LEU A 303 5.30 6.30 13.99
CA LEU A 303 4.49 6.83 12.93
C LEU A 303 5.15 6.45 11.61
N GLN A 304 4.51 5.59 10.85
CA GLN A 304 5.05 5.13 9.57
C GLN A 304 4.63 6.06 8.43
N VAL A 305 5.56 6.35 7.54
CA VAL A 305 5.27 7.16 6.36
C VAL A 305 5.95 6.48 5.18
N GLY A 306 5.14 6.12 4.18
CA GLY A 306 5.68 5.44 3.02
C GLY A 306 4.70 5.45 1.86
N GLY A 307 4.96 4.59 0.87
CA GLY A 307 4.10 4.54 -0.30
C GLY A 307 4.71 5.45 -1.36
N ALA A 308 5.36 6.51 -0.85
CA ALA A 308 6.04 7.51 -1.66
C ALA A 308 7.10 8.09 -0.74
N LYS A 309 8.10 8.74 -1.31
CA LYS A 309 9.16 9.30 -0.49
C LYS A 309 8.70 10.44 0.44
N PHE A 310 8.98 10.29 1.73
CA PHE A 310 8.64 11.34 2.68
C PHE A 310 9.90 12.20 2.73
N SER A 311 9.83 13.36 2.09
CA SER A 311 10.95 14.28 2.01
C SER A 311 11.57 14.66 3.35
N ALA A 312 12.89 14.80 3.33
CA ALA A 312 13.69 15.13 4.50
C ALA A 312 13.18 16.33 5.30
N GLU A 313 12.85 17.42 4.60
CA GLU A 313 12.37 18.65 5.23
C GLU A 313 11.11 18.41 6.07
N ALA A 314 10.35 17.38 5.70
CA ALA A 314 9.13 17.08 6.45
C ALA A 314 9.42 16.02 7.49
N ALA A 315 10.11 14.96 7.08
CA ALA A 315 10.44 13.86 7.96
C ALA A 315 11.07 14.33 9.29
N ARG A 316 12.05 15.21 9.20
CA ARG A 316 12.77 15.74 10.37
C ARG A 316 11.84 16.34 11.43
N ARG A 317 10.63 16.72 11.03
CA ARG A 317 9.68 17.33 11.96
C ARG A 317 8.87 16.36 12.82
N VAL A 318 8.78 15.11 12.37
CA VAL A 318 8.00 14.10 13.09
C VAL A 318 8.28 14.04 14.60
N LYS A 319 9.54 13.97 14.97
CA LYS A 319 9.94 13.89 16.37
C LYS A 319 9.36 15.00 17.25
N ALA A 320 9.35 16.22 16.73
CA ALA A 320 8.83 17.37 17.48
C ALA A 320 7.32 17.55 17.43
N VAL A 321 6.70 17.25 16.29
CA VAL A 321 5.26 17.42 16.16
C VAL A 321 4.44 16.29 16.81
N PHE A 322 4.95 15.06 16.71
CA PHE A 322 4.25 13.93 17.29
C PHE A 322 4.96 13.32 18.49
N GLY A 323 6.23 13.69 18.70
CA GLY A 323 6.97 13.18 19.83
C GLY A 323 7.22 11.70 19.78
N CYS A 324 7.24 11.13 18.59
CA CYS A 324 7.47 9.70 18.46
C CYS A 324 8.51 9.41 17.39
N THR A 325 8.81 8.13 17.20
CA THR A 325 9.79 7.72 16.21
C THR A 325 9.15 7.64 14.83
N LEU A 326 9.86 8.14 13.83
CA LEU A 326 9.39 8.08 12.47
C LEU A 326 9.97 6.82 11.86
N GLN A 327 9.22 6.17 10.99
CA GLN A 327 9.73 4.99 10.32
C GLN A 327 9.35 5.13 8.86
N GLN A 328 10.35 5.25 7.99
CA GLN A 328 10.07 5.36 6.57
C GLN A 328 9.90 3.95 6.05
N VAL A 329 8.91 3.77 5.19
CA VAL A 329 8.64 2.46 4.66
C VAL A 329 8.57 2.50 3.14
N PHE A 330 9.46 1.75 2.50
CA PHE A 330 9.51 1.71 1.04
C PHE A 330 9.25 0.28 0.62
N GLY A 331 8.00 0.01 0.25
CA GLY A 331 7.64 -1.34 -0.16
C GLY A 331 6.86 -1.34 -1.46
N MET A 332 6.57 -2.54 -1.96
CA MET A 332 5.82 -2.71 -3.20
C MET A 332 4.98 -3.97 -3.03
N ALA A 333 3.81 -4.00 -3.65
CA ALA A 333 2.93 -5.14 -3.53
C ALA A 333 3.55 -6.37 -4.19
N GLU A 334 4.54 -6.13 -5.05
CA GLU A 334 5.22 -7.21 -5.76
C GLU A 334 6.13 -8.00 -4.83
N GLY A 335 6.57 -7.38 -3.75
CA GLY A 335 7.43 -8.09 -2.82
C GLY A 335 8.17 -7.25 -1.81
N LEU A 336 9.42 -6.95 -2.16
CA LEU A 336 10.33 -6.18 -1.32
C LEU A 336 9.76 -5.05 -0.48
N VAL A 337 10.12 -5.05 0.80
CA VAL A 337 9.71 -4.00 1.73
C VAL A 337 10.94 -3.57 2.53
N ASN A 338 11.18 -2.26 2.55
CA ASN A 338 12.32 -1.68 3.26
C ASN A 338 11.85 -0.78 4.40
N TYR A 339 12.55 -0.83 5.53
CA TYR A 339 12.21 0.00 6.68
C TYR A 339 13.43 0.63 7.33
N THR A 340 13.27 1.83 7.88
CA THR A 340 14.36 2.41 8.64
C THR A 340 14.13 1.66 9.96
N ARG A 341 15.20 1.31 10.67
CA ARG A 341 15.01 0.57 11.92
C ARG A 341 14.57 1.50 13.04
N LEU A 342 13.76 0.98 13.96
CA LEU A 342 13.25 1.78 15.07
C LEU A 342 14.30 2.35 16.03
N ASP A 343 15.48 1.76 16.04
CA ASP A 343 16.57 2.24 16.91
C ASP A 343 17.70 2.82 16.07
N ASP A 344 17.36 3.36 14.89
CA ASP A 344 18.34 3.96 14.00
C ASP A 344 18.55 5.42 14.36
N PRO A 345 19.69 5.99 13.94
CA PRO A 345 19.99 7.41 14.22
C PRO A 345 18.95 8.29 13.52
N GLU A 346 18.66 9.45 14.09
CA GLU A 346 17.67 10.34 13.50
C GLU A 346 17.96 10.62 12.03
N GLU A 347 19.24 10.80 11.70
CA GLU A 347 19.64 11.09 10.32
C GLU A 347 19.34 9.98 9.33
N ILE A 348 19.46 8.73 9.76
CA ILE A 348 19.17 7.62 8.86
C ILE A 348 17.65 7.51 8.65
N ILE A 349 16.89 7.83 9.69
CA ILE A 349 15.44 7.78 9.63
C ILE A 349 14.93 8.93 8.77
N VAL A 350 15.59 10.07 8.88
CA VAL A 350 15.19 11.26 8.14
C VAL A 350 15.69 11.37 6.70
N ASN A 351 16.79 10.70 6.37
CA ASN A 351 17.32 10.83 5.03
C ASN A 351 17.31 9.60 4.14
N THR A 352 16.86 8.45 4.66
CA THR A 352 16.81 7.25 3.85
C THR A 352 15.41 6.64 3.85
N GLN A 353 15.23 5.62 3.01
CA GLN A 353 13.95 4.92 2.92
C GLN A 353 14.13 3.47 3.41
N GLY A 354 15.03 3.28 4.38
CA GLY A 354 15.27 1.96 4.94
C GLY A 354 16.15 0.98 4.18
N LYS A 355 16.21 -0.27 4.67
CA LYS A 355 16.99 -1.33 4.03
C LYS A 355 16.12 -2.59 4.04
N PRO A 356 16.35 -3.51 3.09
CA PRO A 356 15.55 -4.75 3.05
C PRO A 356 15.26 -5.34 4.42
N MET A 357 14.03 -5.80 4.63
CA MET A 357 13.65 -6.38 5.91
C MET A 357 14.12 -7.83 6.08
N SER A 358 14.41 -8.50 4.97
CA SER A 358 14.85 -9.89 5.01
C SER A 358 16.32 -10.06 4.69
N PRO A 359 17.00 -10.98 5.37
CA PRO A 359 18.44 -11.23 5.14
C PRO A 359 18.62 -11.83 3.76
N TYR A 360 17.53 -12.39 3.21
CA TYR A 360 17.59 -13.02 1.91
C TYR A 360 17.09 -12.16 0.75
N ASP A 361 16.71 -10.91 1.04
CA ASP A 361 16.27 -9.99 -0.01
C ASP A 361 17.51 -9.60 -0.81
N GLU A 362 17.45 -9.76 -2.13
CA GLU A 362 18.56 -9.39 -2.99
C GLU A 362 18.23 -8.11 -3.74
N SER A 363 19.11 -7.13 -3.67
CA SER A 363 18.90 -5.87 -4.36
C SER A 363 20.04 -5.54 -5.31
N ARG A 364 19.69 -5.01 -6.47
CA ARG A 364 20.69 -4.61 -7.45
C ARG A 364 20.32 -3.29 -8.08
N VAL A 365 21.32 -2.43 -8.27
CA VAL A 365 21.13 -1.12 -8.86
C VAL A 365 21.83 -1.10 -10.22
N TRP A 366 21.04 -1.21 -11.29
CA TRP A 366 21.59 -1.22 -12.64
C TRP A 366 21.45 0.10 -13.38
N ASP A 367 22.18 0.22 -14.49
CA ASP A 367 22.15 1.41 -15.33
C ASP A 367 21.28 1.05 -16.52
N ASP A 368 20.97 2.03 -17.35
CA ASP A 368 20.11 1.80 -18.52
C ASP A 368 20.43 0.56 -19.33
N HIS A 369 21.64 0.05 -19.22
CA HIS A 369 22.02 -1.13 -19.99
C HIS A 369 22.15 -2.41 -19.19
N ASP A 370 21.40 -2.50 -18.09
CA ASP A 370 21.39 -3.68 -17.24
C ASP A 370 22.75 -4.05 -16.68
N ARG A 371 23.61 -3.04 -16.51
CA ARG A 371 24.95 -3.27 -15.96
C ARG A 371 24.95 -2.72 -14.53
N ASP A 372 25.51 -3.47 -13.59
CA ASP A 372 25.57 -2.99 -12.22
C ASP A 372 26.27 -1.65 -12.18
N VAL A 373 25.64 -0.67 -11.56
CA VAL A 373 26.23 0.65 -11.47
C VAL A 373 27.35 0.59 -10.42
N LYS A 374 28.23 1.57 -10.43
CA LYS A 374 29.34 1.58 -9.48
C LYS A 374 28.78 1.85 -8.08
N PRO A 375 29.47 1.37 -7.04
CA PRO A 375 29.04 1.56 -5.65
C PRO A 375 28.58 2.97 -5.32
N GLY A 376 27.42 3.07 -4.67
CA GLY A 376 26.89 4.37 -4.28
C GLY A 376 26.27 5.16 -5.42
N GLU A 377 26.40 4.65 -6.65
CA GLU A 377 25.84 5.34 -7.80
C GLU A 377 24.34 5.13 -7.91
N THR A 378 23.68 6.07 -8.57
CA THR A 378 22.24 6.02 -8.75
C THR A 378 21.89 5.19 -9.98
N GLY A 379 20.79 4.45 -9.89
CA GLY A 379 20.36 3.63 -11.01
C GLY A 379 19.03 2.95 -10.80
N HIS A 380 18.73 2.01 -11.67
CA HIS A 380 17.49 1.25 -11.62
C HIS A 380 17.55 0.16 -10.55
N LEU A 381 16.50 0.07 -9.75
CA LEU A 381 16.45 -0.91 -8.68
C LEU A 381 15.77 -2.21 -9.09
N LEU A 382 16.49 -3.32 -8.95
CA LEU A 382 15.95 -4.63 -9.22
C LEU A 382 16.02 -5.34 -7.88
N THR A 383 15.13 -6.30 -7.66
CA THR A 383 15.11 -7.00 -6.39
C THR A 383 14.62 -8.43 -6.57
N ARG A 384 15.01 -9.29 -5.64
CA ARG A 384 14.67 -10.72 -5.69
C ARG A 384 14.72 -11.31 -4.28
N GLY A 385 13.75 -12.14 -3.93
CA GLY A 385 13.74 -12.71 -2.61
C GLY A 385 12.62 -13.68 -2.27
N PRO A 386 12.52 -14.08 -0.98
CA PRO A 386 11.55 -15.02 -0.39
C PRO A 386 10.09 -14.59 -0.49
N TYR A 387 9.84 -13.29 -0.52
CA TYR A 387 8.47 -12.79 -0.60
C TYR A 387 8.25 -11.79 -1.74
N THR A 388 9.05 -11.94 -2.79
CA THR A 388 8.94 -11.12 -3.99
C THR A 388 8.52 -12.09 -5.10
N ILE A 389 7.39 -11.79 -5.74
CA ILE A 389 6.86 -12.65 -6.80
C ILE A 389 7.84 -12.82 -7.96
N ARG A 390 7.61 -13.86 -8.75
CA ARG A 390 8.45 -14.12 -9.92
C ARG A 390 7.68 -13.83 -11.19
N GLY A 391 6.47 -13.28 -11.05
CA GLY A 391 5.67 -12.97 -12.22
C GLY A 391 4.25 -12.60 -11.91
N TYR A 392 3.68 -11.71 -12.73
CA TYR A 392 2.30 -11.29 -12.54
C TYR A 392 1.34 -12.36 -13.04
N TYR A 393 0.11 -12.28 -12.55
CA TYR A 393 -0.96 -13.21 -12.89
C TYR A 393 -1.33 -13.13 -14.39
N LYS A 394 -1.33 -14.29 -15.06
CA LYS A 394 -1.65 -14.38 -16.49
C LYS A 394 -1.19 -13.15 -17.28
N ALA A 395 0.10 -12.88 -17.30
CA ALA A 395 0.60 -11.71 -18.02
C ALA A 395 1.99 -11.97 -18.59
N GLU A 396 2.06 -12.92 -19.52
CA GLU A 396 3.31 -13.32 -20.17
C GLU A 396 4.13 -12.16 -20.72
N GLU A 397 3.51 -11.36 -21.57
CA GLU A 397 4.21 -10.23 -22.16
C GLU A 397 4.80 -9.29 -21.12
N HIS A 398 3.95 -8.80 -20.21
CA HIS A 398 4.44 -7.90 -19.19
C HIS A 398 5.52 -8.53 -18.33
N ASN A 399 5.40 -9.84 -18.06
CA ASN A 399 6.41 -10.51 -17.25
C ASN A 399 7.76 -10.51 -17.95
N ALA A 400 7.73 -10.65 -19.28
CA ALA A 400 8.95 -10.66 -20.06
C ALA A 400 9.68 -9.34 -19.90
N ALA A 401 8.91 -8.27 -19.76
CA ALA A 401 9.50 -6.95 -19.59
C ALA A 401 9.81 -6.60 -18.14
N SER A 402 9.06 -7.16 -17.21
CA SER A 402 9.24 -6.84 -15.79
C SER A 402 10.21 -7.68 -14.97
N PHE A 403 10.58 -8.86 -15.46
CA PHE A 403 11.51 -9.71 -14.73
C PHE A 403 12.67 -10.16 -15.60
N THR A 404 13.87 -10.17 -15.01
CA THR A 404 15.06 -10.60 -15.73
C THR A 404 14.98 -12.10 -15.91
N GLU A 405 15.72 -12.60 -16.90
CA GLU A 405 15.74 -14.02 -17.20
C GLU A 405 16.12 -14.84 -15.97
N ASP A 406 16.96 -14.26 -15.11
CA ASP A 406 17.40 -14.96 -13.91
C ASP A 406 16.45 -14.85 -12.71
N GLY A 407 15.52 -13.91 -12.74
CA GLY A 407 14.59 -13.81 -11.63
C GLY A 407 14.41 -12.50 -10.89
N PHE A 408 15.18 -11.47 -11.26
CA PHE A 408 15.02 -10.19 -10.59
C PHE A 408 13.83 -9.42 -11.13
N TYR A 409 13.19 -8.68 -10.24
CA TYR A 409 12.02 -7.87 -10.60
C TYR A 409 12.45 -6.41 -10.71
N ARG A 410 12.10 -5.77 -11.82
CA ARG A 410 12.44 -4.36 -11.99
C ARG A 410 11.33 -3.55 -11.34
N THR A 411 11.61 -3.00 -10.17
CA THR A 411 10.63 -2.23 -9.41
C THR A 411 10.20 -0.92 -10.07
N GLY A 412 11.03 -0.39 -10.97
CA GLY A 412 10.69 0.86 -11.65
C GLY A 412 11.14 2.10 -10.89
N ASP A 413 11.88 1.89 -9.81
CA ASP A 413 12.38 3.02 -9.03
C ASP A 413 13.85 3.32 -9.33
N ILE A 414 14.22 4.59 -9.24
CA ILE A 414 15.60 4.99 -9.44
C ILE A 414 16.10 5.26 -8.02
N VAL A 415 17.13 4.53 -7.61
CA VAL A 415 17.68 4.69 -6.26
C VAL A 415 19.20 4.56 -6.24
N ARG A 416 19.77 4.78 -5.07
CA ARG A 416 21.21 4.64 -4.85
C ARG A 416 21.31 3.89 -3.54
N LEU A 417 22.41 3.18 -3.33
CA LEU A 417 22.59 2.42 -2.10
C LEU A 417 23.56 3.08 -1.14
N THR A 418 23.26 2.97 0.14
CA THR A 418 24.11 3.54 1.18
C THR A 418 25.16 2.51 1.60
N ARG A 419 26.05 2.89 2.50
CA ARG A 419 27.11 1.98 2.95
C ARG A 419 26.56 0.81 3.76
N ASP A 420 25.59 1.08 4.63
CA ASP A 420 25.00 0.03 5.44
C ASP A 420 23.90 -0.71 4.70
N GLY A 421 23.78 -0.45 3.41
CA GLY A 421 22.76 -1.13 2.62
C GLY A 421 21.42 -0.45 2.57
N TYR A 422 21.33 0.80 3.04
CA TYR A 422 20.08 1.53 3.01
C TYR A 422 19.80 2.06 1.61
N ILE A 423 18.52 2.32 1.33
CA ILE A 423 18.11 2.81 0.03
C ILE A 423 17.64 4.25 0.11
N VAL A 424 18.19 5.09 -0.76
CA VAL A 424 17.82 6.48 -0.83
C VAL A 424 17.16 6.59 -2.20
N VAL A 425 15.83 6.61 -2.19
CA VAL A 425 15.05 6.69 -3.42
C VAL A 425 15.04 8.10 -4.00
N GLU A 426 15.22 8.17 -5.32
CA GLU A 426 15.18 9.46 -6.03
C GLU A 426 13.73 9.69 -6.40
N GLY A 427 13.15 8.65 -7.00
CA GLY A 427 11.76 8.68 -7.44
C GLY A 427 11.58 7.60 -8.48
N ARG A 428 10.39 7.51 -9.08
CA ARG A 428 10.14 6.50 -10.11
C ARG A 428 10.75 6.91 -11.45
N ALA A 429 11.22 5.91 -12.20
CA ALA A 429 11.80 6.18 -13.52
C ALA A 429 10.87 7.08 -14.34
N LYS A 430 9.59 6.75 -14.34
CA LYS A 430 8.62 7.51 -15.12
C LYS A 430 8.44 8.96 -14.65
N ASP A 431 8.79 9.24 -13.40
CA ASP A 431 8.64 10.59 -12.85
C ASP A 431 9.87 11.49 -13.06
N GLN A 432 10.87 10.96 -13.76
CA GLN A 432 12.08 11.73 -14.00
C GLN A 432 11.74 12.83 -15.00
N ILE A 433 12.26 14.02 -14.77
CA ILE A 433 11.99 15.12 -15.69
C ILE A 433 13.26 15.37 -16.49
N ASN A 434 13.15 15.19 -17.80
CA ASN A 434 14.28 15.41 -18.69
C ASN A 434 14.08 16.75 -19.39
N ARG A 435 14.53 17.81 -18.74
CA ARG A 435 14.41 19.15 -19.26
C ARG A 435 15.56 19.52 -20.19
N GLY A 436 15.22 19.74 -21.46
CA GLY A 436 16.21 20.11 -22.45
C GLY A 436 17.56 19.43 -22.33
N GLY A 437 17.56 18.11 -22.17
CA GLY A 437 18.83 17.38 -22.07
C GLY A 437 19.47 17.39 -20.70
N GLU A 438 18.65 17.47 -19.66
CA GLU A 438 19.13 17.47 -18.29
C GLU A 438 18.12 16.71 -17.45
N LYS A 439 18.59 15.76 -16.66
CA LYS A 439 17.67 15.01 -15.82
C LYS A 439 17.45 15.78 -14.53
N VAL A 440 16.19 15.83 -14.09
CA VAL A 440 15.85 16.52 -12.87
C VAL A 440 15.14 15.59 -11.90
N ALA A 441 15.62 15.53 -10.66
CA ALA A 441 15.02 14.70 -9.63
C ALA A 441 13.93 15.57 -9.01
N ALA A 442 12.68 15.30 -9.39
CA ALA A 442 11.54 16.06 -8.88
C ALA A 442 11.52 16.25 -7.37
N GLU A 443 11.65 15.15 -6.64
CA GLU A 443 11.63 15.16 -5.18
C GLU A 443 12.71 16.06 -4.57
N GLU A 444 13.85 16.15 -5.23
CA GLU A 444 14.93 17.00 -4.73
C GLU A 444 14.43 18.44 -4.65
N VAL A 445 13.71 18.87 -5.69
CA VAL A 445 13.17 20.22 -5.76
C VAL A 445 11.98 20.40 -4.81
N GLU A 446 11.14 19.38 -4.71
CA GLU A 446 9.99 19.47 -3.82
C GLU A 446 10.46 19.67 -2.37
N ASN A 447 11.51 18.96 -1.97
CA ASN A 447 12.06 19.07 -0.61
C ASN A 447 12.40 20.52 -0.27
N HIS A 448 13.05 21.22 -1.20
CA HIS A 448 13.40 22.62 -1.03
C HIS A 448 12.12 23.44 -0.81
N LEU A 449 11.18 23.29 -1.74
CA LEU A 449 9.92 24.01 -1.67
C LEU A 449 9.15 23.79 -0.36
N LEU A 450 9.34 22.63 0.26
CA LEU A 450 8.69 22.34 1.53
C LEU A 450 9.26 23.22 2.64
N ALA A 451 10.41 23.82 2.37
CA ALA A 451 11.06 24.70 3.33
C ALA A 451 10.45 26.10 3.28
N HIS A 452 9.72 26.40 2.21
CA HIS A 452 9.09 27.70 2.12
C HIS A 452 7.85 27.74 3.00
N PRO A 453 7.75 28.77 3.87
CA PRO A 453 6.65 29.00 4.82
C PRO A 453 5.23 29.04 4.22
N ALA A 454 5.11 29.22 2.92
CA ALA A 454 3.78 29.28 2.31
C ALA A 454 3.42 28.02 1.52
N VAL A 455 4.22 26.98 1.67
CA VAL A 455 3.99 25.74 0.94
C VAL A 455 3.55 24.60 1.87
N HIS A 456 2.36 24.08 1.60
CA HIS A 456 1.83 22.96 2.38
C HIS A 456 2.42 21.68 1.80
N ASP A 457 2.42 21.58 0.46
CA ASP A 457 2.99 20.42 -0.22
C ASP A 457 3.32 20.80 -1.65
N ALA A 458 4.14 19.98 -2.30
CA ALA A 458 4.56 20.27 -3.66
C ALA A 458 4.79 19.01 -4.48
N ALA A 459 4.32 19.02 -5.73
CA ALA A 459 4.51 17.89 -6.62
C ALA A 459 4.96 18.47 -7.97
N MET A 460 6.18 18.12 -8.36
CA MET A 460 6.75 18.63 -9.62
C MET A 460 6.73 17.58 -10.71
N VAL A 461 6.16 17.95 -11.85
CA VAL A 461 6.06 17.02 -12.97
C VAL A 461 6.53 17.63 -14.28
N SER A 462 6.74 16.77 -15.27
CA SER A 462 7.16 17.24 -16.57
C SER A 462 5.94 17.77 -17.32
N MET A 463 6.19 18.62 -18.31
CA MET A 463 5.15 19.16 -19.17
C MET A 463 5.79 19.27 -20.55
N PRO A 464 5.00 19.08 -21.61
CA PRO A 464 5.47 19.15 -23.00
C PRO A 464 6.06 20.50 -23.43
N ASP A 465 7.05 20.44 -24.31
CA ASP A 465 7.68 21.65 -24.85
C ASP A 465 8.25 21.31 -26.23
N GLN A 466 7.75 21.98 -27.25
CA GLN A 466 8.19 21.72 -28.61
C GLN A 466 9.67 22.02 -28.86
N PHE A 467 10.26 22.87 -28.03
CA PHE A 467 11.66 23.23 -28.22
C PHE A 467 12.65 22.46 -27.33
N LEU A 468 12.27 22.21 -26.09
CA LEU A 468 13.16 21.50 -25.18
C LEU A 468 12.67 20.07 -24.93
N GLY A 469 11.58 19.70 -25.58
CA GLY A 469 11.01 18.37 -25.42
C GLY A 469 10.18 18.29 -24.15
N GLU A 470 10.77 18.75 -23.05
CA GLU A 470 10.12 18.74 -21.75
C GLU A 470 10.53 19.93 -20.91
N ARG A 471 9.57 20.49 -20.19
CA ARG A 471 9.84 21.57 -19.27
C ARG A 471 9.31 21.05 -17.94
N SER A 472 9.45 21.83 -16.88
CA SER A 472 8.99 21.38 -15.59
C SER A 472 7.92 22.27 -14.99
N CYS A 473 6.92 21.63 -14.39
CA CYS A 473 5.81 22.34 -13.74
C CYS A 473 5.65 21.80 -12.33
N VAL A 474 5.59 22.68 -11.33
CA VAL A 474 5.40 22.22 -9.96
C VAL A 474 4.04 22.65 -9.44
N PHE A 475 3.25 21.69 -8.96
CA PHE A 475 1.95 22.03 -8.41
C PHE A 475 2.17 22.29 -6.93
N ILE A 476 1.73 23.44 -6.46
CA ILE A 476 1.89 23.81 -5.06
C ILE A 476 0.53 23.94 -4.36
N ILE A 477 0.45 23.41 -3.15
CA ILE A 477 -0.76 23.56 -2.34
C ILE A 477 -0.34 24.61 -1.33
N PRO A 478 -0.93 25.82 -1.43
CA PRO A 478 -0.64 26.96 -0.55
C PRO A 478 -0.99 26.70 0.90
N ARG A 479 -0.10 27.13 1.80
CA ARG A 479 -0.36 26.99 3.23
C ARG A 479 -1.04 28.29 3.61
N ASP A 480 -2.23 28.48 3.06
CA ASP A 480 -3.08 29.66 3.25
C ASP A 480 -2.99 30.55 2.00
N GLU A 481 -2.67 31.82 2.19
CA GLU A 481 -2.58 32.73 1.05
C GLU A 481 -1.42 32.32 0.16
N ALA A 482 -1.75 31.91 -1.07
CA ALA A 482 -0.77 31.46 -2.04
C ALA A 482 0.29 32.50 -2.42
N PRO A 483 1.57 32.15 -2.24
CA PRO A 483 2.64 33.09 -2.58
C PRO A 483 2.69 33.19 -4.11
N LYS A 484 3.40 34.18 -4.61
CA LYS A 484 3.51 34.35 -6.06
C LYS A 484 4.51 33.33 -6.61
N ALA A 485 4.32 32.97 -7.87
CA ALA A 485 5.19 32.01 -8.55
C ALA A 485 6.64 32.52 -8.62
N ALA A 486 6.81 33.81 -8.90
CA ALA A 486 8.14 34.41 -8.99
C ALA A 486 8.82 34.40 -7.62
N GLU A 487 8.02 34.40 -6.56
CA GLU A 487 8.53 34.40 -5.19
C GLU A 487 9.15 33.04 -4.89
N LEU A 488 8.56 31.98 -5.44
CA LEU A 488 9.08 30.63 -5.18
C LEU A 488 10.35 30.35 -5.95
N LYS A 489 10.40 30.81 -7.20
CA LYS A 489 11.57 30.63 -8.05
C LYS A 489 12.74 31.38 -7.43
N ALA A 490 12.47 32.59 -6.94
CA ALA A 490 13.51 33.41 -6.32
C ALA A 490 14.03 32.71 -5.06
N PHE A 491 13.10 32.13 -4.31
CA PHE A 491 13.43 31.40 -3.09
C PHE A 491 14.43 30.29 -3.41
N LEU A 492 14.15 29.55 -4.48
CA LEU A 492 15.02 28.46 -4.89
C LEU A 492 16.34 29.00 -5.42
N ARG A 493 16.28 30.16 -6.04
CA ARG A 493 17.47 30.78 -6.61
C ARG A 493 18.40 31.21 -5.48
N GLU A 494 17.83 31.81 -4.44
CA GLU A 494 18.57 32.28 -3.28
C GLU A 494 19.28 31.11 -2.59
N ARG A 495 18.69 29.92 -2.71
CA ARG A 495 19.26 28.72 -2.10
C ARG A 495 20.36 28.06 -2.92
N GLY A 496 20.65 28.59 -4.11
CA GLY A 496 21.70 28.01 -4.93
C GLY A 496 21.32 26.80 -5.74
N LEU A 497 20.02 26.54 -5.87
CA LEU A 497 19.54 25.41 -6.67
C LEU A 497 19.95 25.63 -8.13
N ALA A 498 20.53 24.62 -8.77
CA ALA A 498 20.96 24.76 -10.16
C ALA A 498 19.80 25.28 -11.01
N ALA A 499 20.10 26.22 -11.89
CA ALA A 499 19.10 26.85 -12.76
C ALA A 499 18.17 25.89 -13.51
N TYR A 500 18.69 24.77 -13.98
CA TYR A 500 17.87 23.84 -14.74
C TYR A 500 16.88 23.02 -13.91
N LYS A 501 16.99 23.11 -12.58
CA LYS A 501 16.12 22.38 -11.65
C LYS A 501 14.95 23.24 -11.21
N ILE A 502 15.08 24.55 -11.42
CA ILE A 502 14.03 25.48 -11.04
C ILE A 502 12.82 25.27 -11.92
N PRO A 503 11.64 25.09 -11.30
CA PRO A 503 10.39 24.86 -12.05
C PRO A 503 10.18 25.94 -13.10
N ASP A 504 9.88 25.52 -14.33
CA ASP A 504 9.62 26.49 -15.39
C ASP A 504 8.26 27.10 -15.15
N ARG A 505 7.37 26.30 -14.56
CA ARG A 505 6.02 26.77 -14.32
C ARG A 505 5.47 26.36 -12.95
N VAL A 506 4.67 27.23 -12.35
CA VAL A 506 4.08 26.97 -11.04
C VAL A 506 2.55 27.01 -11.07
N GLU A 507 1.92 25.94 -10.59
CA GLU A 507 0.46 25.86 -10.54
C GLU A 507 -0.02 25.72 -9.10
N PHE A 508 -0.89 26.61 -8.67
CA PHE A 508 -1.41 26.53 -7.31
C PHE A 508 -2.76 25.82 -7.32
N VAL A 509 -2.90 24.84 -6.43
CA VAL A 509 -4.13 24.06 -6.30
C VAL A 509 -4.42 23.85 -4.83
N GLU A 510 -5.64 23.43 -4.53
CA GLU A 510 -6.06 23.18 -3.15
C GLU A 510 -5.72 21.76 -2.74
N SER A 511 -5.57 20.87 -3.71
CA SER A 511 -5.23 19.48 -3.42
C SER A 511 -4.64 18.82 -4.66
N PHE A 512 -3.98 17.69 -4.46
CA PHE A 512 -3.35 16.94 -5.56
C PHE A 512 -4.22 15.73 -5.86
N PRO A 513 -4.27 15.30 -7.13
CA PRO A 513 -5.08 14.13 -7.49
C PRO A 513 -4.35 12.94 -6.83
N GLN A 514 -5.11 12.03 -6.23
CA GLN A 514 -4.49 10.90 -5.55
C GLN A 514 -4.94 9.54 -6.05
N THR A 515 -4.15 8.53 -5.69
CA THR A 515 -4.43 7.16 -6.06
C THR A 515 -5.34 6.52 -5.01
N GLY A 516 -5.61 5.24 -5.19
CA GLY A 516 -6.47 4.52 -4.27
C GLY A 516 -6.06 4.56 -2.81
N VAL A 517 -4.77 4.37 -2.53
CA VAL A 517 -4.32 4.38 -1.15
C VAL A 517 -4.04 5.79 -0.63
N GLY A 518 -4.05 6.77 -1.52
CA GLY A 518 -3.82 8.14 -1.07
C GLY A 518 -2.57 8.86 -1.54
N LYS A 519 -1.75 8.24 -2.37
CA LYS A 519 -0.56 8.94 -2.82
C LYS A 519 -0.86 9.87 -3.98
N VAL A 520 0.03 10.83 -4.20
CA VAL A 520 -0.14 11.77 -5.29
C VAL A 520 -0.01 10.98 -6.58
N SER A 521 -0.87 11.28 -7.54
CA SER A 521 -0.81 10.63 -8.84
C SER A 521 -0.12 11.63 -9.77
N LYS A 522 1.18 11.46 -9.98
CA LYS A 522 1.89 12.39 -10.83
C LYS A 522 1.40 12.27 -12.27
N LYS A 523 0.93 11.08 -12.63
CA LYS A 523 0.39 10.87 -13.96
C LYS A 523 -0.81 11.80 -14.18
N ALA A 524 -1.68 11.89 -13.18
CA ALA A 524 -2.86 12.76 -13.29
C ALA A 524 -2.40 14.21 -13.42
N LEU A 525 -1.36 14.56 -12.67
CA LEU A 525 -0.82 15.93 -12.70
C LEU A 525 -0.23 16.21 -14.08
N ARG A 526 0.41 15.22 -14.68
CA ARG A 526 0.97 15.43 -16.01
C ARG A 526 -0.16 15.70 -17.01
N GLU A 527 -1.25 14.94 -16.90
CA GLU A 527 -2.41 15.10 -17.78
C GLU A 527 -3.01 16.48 -17.61
N ALA A 528 -3.11 16.93 -16.37
CA ALA A 528 -3.69 18.24 -16.08
C ALA A 528 -2.86 19.39 -16.63
N ILE A 529 -1.53 19.31 -16.54
CA ILE A 529 -0.71 20.40 -17.08
C ILE A 529 -0.71 20.28 -18.61
N SER A 530 -0.69 19.05 -19.10
CA SER A 530 -0.67 18.83 -20.53
C SER A 530 -1.96 19.37 -21.17
N GLU A 531 -3.07 19.21 -20.46
CA GLU A 531 -4.37 19.68 -20.93
C GLU A 531 -4.44 21.20 -20.93
N LYS A 532 -3.88 21.83 -19.90
CA LYS A 532 -3.90 23.28 -19.84
C LYS A 532 -3.10 23.84 -21.02
N LEU A 533 -1.94 23.27 -21.28
CA LEU A 533 -1.12 23.73 -22.40
C LEU A 533 -1.88 23.61 -23.72
N LEU A 534 -2.56 22.50 -23.92
CA LEU A 534 -3.35 22.29 -25.13
C LEU A 534 -4.44 23.34 -25.25
N ALA A 535 -5.00 23.73 -24.12
CA ALA A 535 -6.05 24.73 -24.08
C ALA A 535 -5.60 26.03 -24.74
N GLY A 536 -4.29 26.15 -24.96
CA GLY A 536 -3.76 27.35 -25.59
C GLY A 536 -3.14 27.04 -26.95
#